data_4O8N
#
_entry.id   4O8N
#
_cell.length_a   59.807
_cell.length_b   65.579
_cell.length_c   84.952
_cell.angle_alpha   90.00
_cell.angle_beta   90.00
_cell.angle_gamma   90.00
#
_symmetry.space_group_name_H-M   'P 21 21 21'
#
loop_
_entity.id
_entity.type
_entity.pdbx_description
1 polymer Alpha-L-arabinofuranosidase
2 non-polymer 'CALCIUM ION'
3 non-polymer 2-[BIS-(2-HYDROXY-ETHYL)-AMINO]-2-HYDROXYMETHYL-PROPANE-1,3-DIOL
4 non-polymer 'HEXAETHYLENE GLYCOL'
5 non-polymer DI(HYDROXYETHYL)ETHER
6 water water
#
_entity_poly.entity_id   1
_entity_poly.type   'polypeptide(L)'
_entity_poly.pdbx_seq_one_letter_code
;MGSSHHHHHHSSGRENLYFQGMSFHRSLPFRPKRLFGVLAPLLLAGVMSTQPAGAATVVPSDDVQGTGRQSQLTDGFGTR
ASCELPSTYRWTSTGALAQPRSGWVSLKDFTVVPYNGQHLVYATTHDTGTRWGSMNFEPFGDWSQMATARQNAMNSPTVA
PTLFYFAPKDIWVLAYQWGGSAFSYRTSHDPTDPNGWSSEQVLFSGSIADSATGPIDQTLIGDDTHMYLFFAGDNGKIYR
ASMPIGDFPGSFGSTATVVMSDTRNNLFEAPQVYKLQGQNRYLMIVEAIGAQGQRYFRSFTATSLDGEWTPQATSESNPF
AGKANSGATWTDDISHGELIRTTADQTMTVDPCNLQLLYQGRDPGSGGTYDLLPYRPGLLTLQR
;
_entity_poly.pdbx_strand_id   A
#
# COMPACT_ATOMS: atom_id res chain seq x y z
N CYS A 83 -7.19 -4.75 21.82
CA CYS A 83 -7.81 -3.70 21.03
C CYS A 83 -8.50 -4.27 19.79
N GLU A 84 -9.68 -4.84 19.97
CA GLU A 84 -10.44 -5.35 18.83
C GLU A 84 -10.68 -4.25 17.79
N LEU A 85 -10.66 -4.61 16.51
CA LEU A 85 -11.00 -3.62 15.49
C LEU A 85 -12.41 -3.11 15.72
N PRO A 86 -12.61 -1.80 15.56
CA PRO A 86 -13.96 -1.25 15.76
C PRO A 86 -14.86 -1.61 14.59
N SER A 87 -16.16 -1.69 14.83
CA SER A 87 -17.06 -1.91 13.71
C SER A 87 -17.33 -0.59 13.01
N THR A 88 -17.17 0.51 13.75
CA THR A 88 -17.28 1.85 13.17
C THR A 88 -15.99 2.60 13.45
N TYR A 89 -15.27 2.94 12.41
CA TYR A 89 -14.01 3.64 12.54
C TYR A 89 -14.21 5.13 12.66
N ARG A 90 -13.46 5.77 13.55
CA ARG A 90 -13.42 7.22 13.61
CA ARG A 90 -13.40 7.23 13.60
C ARG A 90 -11.95 7.67 13.64
N TRP A 91 -11.57 8.55 12.73
CA TRP A 91 -10.18 8.99 12.66
C TRP A 91 -10.07 10.48 12.91
N THR A 92 -8.86 10.94 13.24
CA THR A 92 -8.50 12.34 12.96
C THR A 92 -7.42 12.33 11.90
N SER A 93 -7.22 13.47 11.25
CA SER A 93 -6.31 13.54 10.11
C SER A 93 -5.37 14.72 10.20
N THR A 94 -4.23 14.59 9.50
CA THR A 94 -3.41 15.75 9.17
C THR A 94 -3.89 16.32 7.86
N GLY A 95 -3.40 17.53 7.52
CA GLY A 95 -3.48 17.98 6.14
C GLY A 95 -2.38 17.31 5.33
N ALA A 96 -2.09 17.84 4.16
CA ALA A 96 -0.99 17.30 3.37
C ALA A 96 0.32 17.46 4.13
N LEU A 97 1.14 16.41 4.14
CA LEU A 97 2.38 16.36 4.92
C LEU A 97 3.63 16.71 4.11
N ALA A 98 3.51 16.79 2.79
CA ALA A 98 4.64 17.20 1.95
C ALA A 98 4.10 17.65 0.61
N GLN A 99 4.85 18.53 -0.04
CA GLN A 99 4.60 18.89 -1.43
C GLN A 99 5.64 18.18 -2.29
N PRO A 100 5.26 17.80 -3.53
CA PRO A 100 6.24 17.16 -4.41
C PRO A 100 7.39 18.08 -4.79
N ARG A 101 8.58 17.51 -4.82
CA ARG A 101 9.76 18.24 -5.26
C ARG A 101 9.49 18.80 -6.65
N SER A 102 9.99 20.02 -6.90
CA SER A 102 9.89 20.68 -8.20
C SER A 102 10.07 19.68 -9.33
N GLY A 103 9.11 19.63 -10.23
CA GLY A 103 9.20 18.72 -11.37
C GLY A 103 8.17 17.61 -11.34
N TRP A 104 7.69 17.31 -10.14
CA TRP A 104 6.65 16.31 -9.95
C TRP A 104 5.32 16.97 -9.61
N VAL A 105 4.24 16.45 -10.16
CA VAL A 105 2.90 16.97 -9.83
CA VAL A 105 2.91 16.96 -9.85
C VAL A 105 2.29 16.22 -8.67
N SER A 106 2.84 15.05 -8.35
CA SER A 106 2.24 14.26 -7.29
C SER A 106 3.20 13.28 -6.65
N LEU A 107 2.83 12.83 -5.45
CA LEU A 107 3.47 11.73 -4.70
C LEU A 107 2.36 10.75 -4.34
N LYS A 108 2.56 9.45 -4.59
CA LYS A 108 1.45 8.49 -4.57
C LYS A 108 1.85 7.12 -4.03
N ASP A 109 0.84 6.34 -3.66
CA ASP A 109 1.02 4.89 -3.50
C ASP A 109 2.05 4.53 -2.43
N PHE A 110 2.02 5.26 -1.31
CA PHE A 110 3.09 5.18 -0.32
C PHE A 110 3.32 3.81 0.27
N THR A 111 4.60 3.48 0.43
CA THR A 111 4.99 2.37 1.27
C THR A 111 5.92 2.88 2.37
N VAL A 112 5.77 2.38 3.59
CA VAL A 112 6.48 3.00 4.71
C VAL A 112 6.87 1.98 5.73
N VAL A 113 8.13 2.02 6.15
CA VAL A 113 8.64 1.13 7.21
C VAL A 113 9.31 1.90 8.31
N PRO A 114 9.41 1.30 9.50
CA PRO A 114 10.26 1.88 10.54
C PRO A 114 11.73 1.52 10.25
N TYR A 115 12.62 2.49 10.39
CA TYR A 115 14.03 2.24 10.11
C TYR A 115 14.87 3.03 11.10
N ASN A 116 15.52 2.32 12.02
CA ASN A 116 16.30 2.98 13.06
C ASN A 116 15.59 4.15 13.75
N GLY A 117 14.35 3.91 14.17
CA GLY A 117 13.58 4.87 14.94
C GLY A 117 12.98 5.98 14.08
N GLN A 118 13.11 5.85 12.76
CA GLN A 118 12.61 6.90 11.87
C GLN A 118 11.63 6.28 10.88
N HIS A 119 10.96 7.14 10.10
CA HIS A 119 10.11 6.66 9.03
C HIS A 119 10.86 6.67 7.72
N LEU A 120 10.78 5.57 6.99
CA LEU A 120 11.39 5.47 5.65
C LEU A 120 10.28 5.18 4.65
N VAL A 121 10.07 6.13 3.74
CA VAL A 121 8.92 6.12 2.83
C VAL A 121 9.39 6.10 1.38
N TYR A 122 8.83 5.19 0.59
CA TYR A 122 8.96 5.21 -0.87
C TYR A 122 7.62 5.58 -1.50
N ALA A 123 7.63 6.11 -2.71
CA ALA A 123 6.39 6.54 -3.37
C ALA A 123 6.54 6.55 -4.86
N THR A 124 5.40 6.44 -5.52
CA THR A 124 5.27 6.73 -6.94
C THR A 124 5.33 8.23 -7.17
N THR A 125 5.98 8.63 -8.27
CA THR A 125 5.96 10.03 -8.72
C THR A 125 5.30 10.15 -10.09
N HIS A 126 4.79 11.34 -10.41
CA HIS A 126 4.41 11.66 -11.79
C HIS A 126 4.93 13.05 -12.07
N ASP A 127 5.43 13.27 -13.27
CA ASP A 127 5.95 14.60 -13.58
C ASP A 127 4.84 15.46 -14.20
N THR A 128 5.20 16.54 -14.87
CA THR A 128 4.18 17.43 -15.42
C THR A 128 3.71 17.04 -16.81
N GLY A 129 4.26 15.94 -17.32
CA GLY A 129 3.94 15.49 -18.65
C GLY A 129 3.28 14.13 -18.59
N THR A 130 4.03 13.09 -18.94
CA THR A 130 3.49 11.74 -19.08
C THR A 130 4.34 10.69 -18.38
N ARG A 131 5.23 11.12 -17.49
CA ARG A 131 6.22 10.18 -16.95
C ARG A 131 5.95 9.77 -15.51
N TRP A 132 5.75 8.47 -15.32
CA TRP A 132 5.68 7.86 -14.00
C TRP A 132 7.09 7.51 -13.53
N GLY A 133 7.31 7.61 -12.23
CA GLY A 133 8.60 7.23 -11.66
C GLY A 133 8.42 6.83 -10.22
N SER A 134 9.53 6.76 -9.49
CA SER A 134 9.46 6.52 -8.05
C SER A 134 10.56 7.31 -7.30
N MET A 135 10.45 7.35 -5.99
CA MET A 135 11.35 8.12 -5.15
C MET A 135 11.35 7.55 -3.76
N ASN A 136 12.35 7.92 -2.95
CA ASN A 136 12.14 7.80 -1.51
C ASN A 136 12.36 9.17 -0.85
N PHE A 137 11.95 9.28 0.41
CA PHE A 137 12.35 10.40 1.25
C PHE A 137 13.55 10.02 2.10
N GLU A 138 14.40 10.98 2.44
CA GLU A 138 15.35 10.74 3.53
C GLU A 138 14.57 10.27 4.75
N PRO A 139 15.13 9.37 5.56
CA PRO A 139 14.41 8.99 6.78
C PRO A 139 14.12 10.20 7.66
N PHE A 140 12.95 10.24 8.30
CA PHE A 140 12.61 11.39 9.14
C PHE A 140 11.97 10.92 10.42
N GLY A 141 12.15 11.71 11.48
CA GLY A 141 11.82 11.23 12.81
C GLY A 141 10.34 11.40 13.12
N ASP A 142 9.82 12.59 12.86
CA ASP A 142 8.43 12.85 13.19
C ASP A 142 7.69 13.31 11.96
N TRP A 143 6.36 13.34 12.00
CA TRP A 143 5.61 13.58 10.77
C TRP A 143 5.73 15.04 10.33
N SER A 144 6.09 15.96 11.24
CA SER A 144 6.32 17.33 10.78
C SER A 144 7.57 17.44 9.91
N GLN A 145 8.43 16.41 9.98
CA GLN A 145 9.70 16.45 9.27
C GLN A 145 9.60 15.87 7.86
N MET A 146 8.44 15.30 7.53
CA MET A 146 8.24 14.78 6.18
C MET A 146 8.32 15.92 5.15
N ALA A 147 7.81 17.10 5.50
CA ALA A 147 7.75 18.22 4.56
C ALA A 147 9.13 18.74 4.17
N THR A 148 10.14 18.54 5.01
CA THR A 148 11.48 19.05 4.73
C THR A 148 12.47 17.95 4.39
N ALA A 149 12.05 16.69 4.48
CA ALA A 149 12.92 15.55 4.17
C ALA A 149 13.31 15.58 2.68
N ARG A 150 14.59 15.43 2.35
CA ARG A 150 14.98 15.50 0.93
C ARG A 150 14.26 14.41 0.14
N GLN A 151 13.79 14.77 -1.06
CA GLN A 151 13.08 13.81 -1.90
C GLN A 151 14.04 13.29 -2.96
N ASN A 152 14.26 11.98 -2.95
CA ASN A 152 15.29 11.34 -3.78
C ASN A 152 14.69 10.55 -4.92
N ALA A 153 14.77 11.09 -6.14
CA ALA A 153 14.35 10.31 -7.30
C ALA A 153 15.10 9.00 -7.42
N MET A 154 14.39 7.94 -7.77
CA MET A 154 15.04 6.68 -8.13
C MET A 154 15.45 6.66 -9.59
N ASN A 155 16.70 6.25 -9.86
CA ASN A 155 17.16 6.13 -11.24
C ASN A 155 16.60 4.87 -11.95
N SER A 156 15.81 4.08 -11.23
CA SER A 156 15.14 2.90 -11.78
C SER A 156 13.70 2.90 -11.26
N PRO A 157 12.73 3.13 -12.15
CA PRO A 157 11.36 3.35 -11.65
C PRO A 157 10.72 2.10 -11.08
N THR A 158 10.13 2.24 -9.89
CA THR A 158 9.51 1.12 -9.20
C THR A 158 8.11 1.55 -8.74
N VAL A 159 7.19 1.55 -9.69
CA VAL A 159 5.87 2.15 -9.49
C VAL A 159 5.00 1.28 -8.58
N ALA A 160 4.24 1.97 -7.71
CA ALA A 160 3.41 1.33 -6.66
C ALA A 160 4.21 0.31 -5.84
N PRO A 161 5.27 0.76 -5.18
CA PRO A 161 6.24 -0.10 -4.51
C PRO A 161 5.77 -0.68 -3.18
N THR A 162 6.37 -1.81 -2.80
CA THR A 162 6.19 -2.35 -1.46
C THR A 162 7.57 -2.59 -0.88
N LEU A 163 7.88 -1.93 0.24
CA LEU A 163 9.19 -2.08 0.88
C LEU A 163 9.10 -2.95 2.15
N PHE A 164 10.00 -3.91 2.30
CA PHE A 164 10.11 -4.61 3.59
C PHE A 164 11.47 -5.26 3.74
N TYR A 165 11.77 -5.62 5.00
CA TYR A 165 12.99 -6.35 5.33
C TYR A 165 12.67 -7.83 5.36
N PHE A 166 13.40 -8.64 4.60
CA PHE A 166 13.15 -10.08 4.61
C PHE A 166 14.16 -10.72 5.56
N ALA A 167 13.70 -10.93 6.80
CA ALA A 167 14.56 -11.35 7.89
C ALA A 167 15.28 -12.68 7.66
N PRO A 168 14.59 -13.69 7.08
CA PRO A 168 15.28 -15.00 7.04
C PRO A 168 16.55 -15.01 6.18
N LYS A 169 16.73 -14.02 5.31
CA LYS A 169 17.94 -13.93 4.51
C LYS A 169 18.65 -12.58 4.68
N ASP A 170 18.24 -11.82 5.68
CA ASP A 170 18.87 -10.53 6.06
C ASP A 170 19.03 -9.65 4.84
N ILE A 171 17.92 -9.44 4.14
CA ILE A 171 17.98 -8.69 2.91
C ILE A 171 16.71 -7.85 2.76
N TRP A 172 16.86 -6.61 2.28
CA TRP A 172 15.71 -5.75 2.03
C TRP A 172 15.15 -6.01 0.64
N VAL A 173 13.84 -5.90 0.53
CA VAL A 173 13.15 -6.19 -0.73
C VAL A 173 12.29 -5.00 -1.11
N LEU A 174 12.36 -4.61 -2.39
CA LEU A 174 11.45 -3.61 -2.95
C LEU A 174 10.69 -4.25 -4.11
N ALA A 175 9.39 -4.44 -3.95
CA ALA A 175 8.55 -5.07 -4.99
C ALA A 175 7.79 -3.97 -5.72
N TYR A 176 7.47 -4.20 -6.99
CA TYR A 176 6.83 -3.15 -7.77
C TYR A 176 6.23 -3.72 -9.05
N GLN A 177 5.65 -2.85 -9.87
CA GLN A 177 5.04 -3.26 -11.12
C GLN A 177 5.66 -2.50 -12.29
N TRP A 178 5.25 -2.89 -13.50
CA TRP A 178 5.63 -2.27 -14.76
C TRP A 178 7.07 -2.53 -15.12
N GLY A 179 7.64 -3.59 -14.54
CA GLY A 179 8.91 -4.13 -14.98
C GLY A 179 8.74 -5.14 -16.10
N GLY A 180 9.69 -6.05 -16.24
CA GLY A 180 9.71 -7.01 -17.34
C GLY A 180 8.64 -8.08 -17.28
N SER A 181 8.03 -8.24 -16.12
CA SER A 181 6.87 -9.14 -15.95
C SER A 181 5.80 -8.46 -15.12
N ALA A 182 4.71 -9.18 -14.82
CA ALA A 182 3.61 -8.56 -14.08
C ALA A 182 4.07 -7.87 -12.78
N PHE A 183 4.85 -8.57 -11.93
CA PHE A 183 5.49 -7.92 -10.81
C PHE A 183 6.98 -8.29 -10.75
N SER A 184 7.74 -7.38 -10.17
CA SER A 184 9.20 -7.46 -10.11
C SER A 184 9.62 -7.19 -8.68
N TYR A 185 10.87 -7.50 -8.35
CA TYR A 185 11.45 -7.03 -7.08
C TYR A 185 12.93 -6.81 -7.27
N ARG A 186 13.50 -6.03 -6.37
CA ARG A 186 14.94 -5.85 -6.28
C ARG A 186 15.32 -5.99 -4.83
N THR A 187 16.61 -6.19 -4.58
CA THR A 187 17.07 -6.34 -3.20
C THR A 187 18.15 -5.30 -2.86
N SER A 188 18.37 -5.09 -1.57
CA SER A 188 19.41 -4.18 -1.11
C SER A 188 19.79 -4.45 0.33
N HIS A 189 20.99 -4.01 0.72
CA HIS A 189 21.36 -3.98 2.14
C HIS A 189 21.18 -2.63 2.79
N ASP A 190 20.78 -1.62 2.02
CA ASP A 190 20.56 -0.27 2.55
C ASP A 190 19.35 0.34 1.89
N PRO A 191 18.18 0.19 2.51
CA PRO A 191 16.96 0.65 1.85
C PRO A 191 16.85 2.18 1.82
N THR A 192 17.73 2.91 2.51
CA THR A 192 17.66 4.37 2.42
C THR A 192 18.20 4.89 1.09
N ASP A 193 18.99 4.07 0.41
CA ASP A 193 19.61 4.48 -0.86
C ASP A 193 18.63 4.23 -2.02
N PRO A 194 18.12 5.31 -2.67
CA PRO A 194 17.17 5.14 -3.76
C PRO A 194 17.77 4.41 -4.94
N ASN A 195 19.09 4.47 -5.09
CA ASN A 195 19.77 3.87 -6.24
C ASN A 195 20.64 2.66 -5.94
N GLY A 196 20.43 2.06 -4.77
CA GLY A 196 21.28 0.95 -4.37
C GLY A 196 20.65 -0.42 -4.55
N TRP A 197 19.53 -0.49 -5.25
CA TRP A 197 18.79 -1.74 -5.46
C TRP A 197 19.38 -2.58 -6.59
N SER A 198 19.29 -3.89 -6.41
CA SER A 198 19.82 -4.86 -7.33
C SER A 198 19.15 -4.79 -8.70
N SER A 199 19.72 -5.53 -9.65
CA SER A 199 19.04 -5.72 -10.93
C SER A 199 17.67 -6.34 -10.72
N GLU A 200 16.82 -6.11 -11.70
CA GLU A 200 15.42 -6.52 -11.57
C GLU A 200 15.26 -8.02 -11.58
N GLN A 201 14.47 -8.53 -10.63
CA GLN A 201 14.12 -9.94 -10.54
C GLN A 201 12.64 -10.12 -10.76
N VAL A 202 12.25 -11.28 -11.28
CA VAL A 202 10.83 -11.58 -11.47
C VAL A 202 10.15 -11.96 -10.16
N LEU A 203 9.03 -11.29 -9.84
CA LEU A 203 8.25 -11.61 -8.65
C LEU A 203 6.99 -12.43 -9.00
N PHE A 204 6.40 -12.11 -10.16
CA PHE A 204 5.19 -12.78 -10.62
C PHE A 204 5.14 -12.68 -12.13
N SER A 205 4.83 -13.79 -12.79
CA SER A 205 4.82 -13.81 -14.25
C SER A 205 3.47 -14.24 -14.81
N GLY A 206 2.42 -14.09 -14.02
CA GLY A 206 1.09 -14.50 -14.45
C GLY A 206 0.32 -13.42 -15.16
N SER A 207 -0.80 -13.80 -15.75
CA SER A 207 -1.73 -12.84 -16.31
C SER A 207 -3.09 -13.11 -15.69
N ILE A 208 -4.00 -12.16 -15.80
CA ILE A 208 -5.33 -12.41 -15.30
C ILE A 208 -6.37 -12.08 -16.36
N ALA A 209 -7.48 -12.81 -16.30
CA ALA A 209 -8.60 -12.60 -17.20
C ALA A 209 -9.36 -11.34 -16.81
N ASP A 210 -9.88 -10.65 -17.82
CA ASP A 210 -10.86 -9.60 -17.60
C ASP A 210 -10.28 -8.45 -16.81
N SER A 211 -9.15 -7.95 -17.30
CA SER A 211 -8.48 -6.81 -16.69
C SER A 211 -7.74 -6.02 -17.77
N ALA A 212 -7.97 -4.71 -17.81
CA ALA A 212 -7.26 -3.86 -18.77
C ALA A 212 -5.84 -3.54 -18.29
N THR A 213 -5.62 -3.62 -16.98
CA THR A 213 -4.35 -3.23 -16.37
C THR A 213 -3.40 -4.41 -16.23
N GLY A 214 -3.96 -5.62 -16.18
CA GLY A 214 -3.23 -6.77 -15.67
C GLY A 214 -3.07 -6.64 -14.15
N PRO A 215 -2.27 -7.53 -13.54
CA PRO A 215 -1.99 -7.49 -12.08
C PRO A 215 -1.42 -6.16 -11.66
N ILE A 216 -1.98 -5.54 -10.61
CA ILE A 216 -1.45 -4.26 -10.13
C ILE A 216 -1.42 -4.23 -8.62
N ASP A 217 -0.62 -3.30 -8.08
CA ASP A 217 -0.65 -2.93 -6.66
C ASP A 217 -0.40 -4.14 -5.76
N GLN A 218 0.72 -4.83 -6.00
CA GLN A 218 1.06 -5.96 -5.13
C GLN A 218 1.29 -5.54 -3.69
N THR A 219 1.06 -6.50 -2.80
CA THR A 219 1.57 -6.40 -1.44
C THR A 219 2.03 -7.80 -1.05
N LEU A 220 2.95 -7.89 -0.10
CA LEU A 220 3.50 -9.19 0.30
C LEU A 220 3.43 -9.30 1.81
N ILE A 221 3.30 -10.53 2.29
CA ILE A 221 3.31 -10.77 3.72
C ILE A 221 3.71 -12.22 3.95
N GLY A 222 4.46 -12.46 5.02
CA GLY A 222 4.83 -13.83 5.36
C GLY A 222 4.37 -14.19 6.76
N ASP A 223 4.10 -15.49 6.97
CA ASP A 223 3.93 -16.03 8.31
C ASP A 223 5.10 -16.96 8.59
N ASP A 224 4.92 -17.92 9.49
CA ASP A 224 6.03 -18.78 9.91
C ASP A 224 6.52 -19.70 8.80
N THR A 225 5.66 -20.03 7.83
CA THR A 225 5.99 -21.06 6.84
C THR A 225 5.93 -20.61 5.39
N HIS A 226 5.14 -19.58 5.11
CA HIS A 226 4.92 -19.16 3.71
C HIS A 226 5.03 -17.67 3.50
N MET A 227 5.46 -17.28 2.30
CA MET A 227 5.28 -15.92 1.83
C MET A 227 4.03 -15.87 0.95
N TYR A 228 3.32 -14.74 1.02
CA TYR A 228 2.12 -14.52 0.23
C TYR A 228 2.22 -13.25 -0.58
N LEU A 229 1.62 -13.29 -1.77
CA LEU A 229 1.49 -12.15 -2.67
C LEU A 229 0.00 -11.89 -2.86
N PHE A 230 -0.46 -10.68 -2.59
CA PHE A 230 -1.84 -10.31 -2.90
C PHE A 230 -1.81 -9.18 -3.91
N PHE A 231 -2.78 -9.16 -4.82
CA PHE A 231 -2.83 -8.07 -5.78
C PHE A 231 -4.22 -7.88 -6.35
N ALA A 232 -4.39 -6.81 -7.13
CA ALA A 232 -5.70 -6.46 -7.68
C ALA A 232 -5.62 -6.40 -9.19
N GLY A 233 -6.75 -6.07 -9.84
CA GLY A 233 -6.77 -5.95 -11.28
C GLY A 233 -7.62 -4.83 -11.85
N ASP A 234 -7.97 -3.84 -11.02
CA ASP A 234 -8.91 -2.78 -11.40
C ASP A 234 -10.17 -3.42 -11.98
N ASN A 235 -10.58 -4.55 -11.40
CA ASN A 235 -11.65 -5.33 -12.03
C ASN A 235 -12.58 -6.02 -11.03
N GLY A 236 -12.46 -5.65 -9.77
CA GLY A 236 -13.37 -6.15 -8.75
C GLY A 236 -12.89 -7.44 -8.12
N LYS A 237 -11.66 -7.87 -8.44
CA LYS A 237 -11.14 -9.11 -7.86
C LYS A 237 -9.87 -8.84 -7.10
N ILE A 238 -9.62 -9.64 -6.07
CA ILE A 238 -8.37 -9.64 -5.33
C ILE A 238 -7.78 -11.03 -5.48
N TYR A 239 -6.47 -11.11 -5.75
CA TYR A 239 -5.81 -12.36 -6.06
C TYR A 239 -4.74 -12.70 -5.03
N ARG A 240 -4.39 -13.97 -4.92
CA ARG A 240 -3.39 -14.42 -3.95
C ARG A 240 -2.49 -15.50 -4.54
N ALA A 241 -1.20 -15.40 -4.29
CA ALA A 241 -0.27 -16.48 -4.58
C ALA A 241 0.59 -16.71 -3.35
N SER A 242 1.19 -17.89 -3.28
CA SER A 242 2.01 -18.23 -2.12
C SER A 242 3.18 -19.09 -2.51
N MET A 243 4.20 -19.09 -1.65
CA MET A 243 5.34 -19.99 -1.80
C MET A 243 5.90 -20.32 -0.43
N PRO A 244 6.60 -21.45 -0.30
CA PRO A 244 7.29 -21.68 0.97
C PRO A 244 8.27 -20.54 1.27
N ILE A 245 8.35 -20.16 2.54
CA ILE A 245 9.17 -19.01 2.89
C ILE A 245 10.66 -19.24 2.60
N GLY A 246 11.11 -20.50 2.60
CA GLY A 246 12.49 -20.80 2.27
C GLY A 246 12.88 -20.53 0.84
N ASP A 247 11.89 -20.37 -0.04
CA ASP A 247 12.17 -20.14 -1.47
C ASP A 247 12.22 -18.66 -1.80
N PHE A 248 11.89 -17.80 -0.82
CA PHE A 248 11.87 -16.36 -1.03
C PHE A 248 13.23 -15.74 -0.64
N PRO A 249 13.69 -14.66 -1.31
CA PRO A 249 13.11 -13.95 -2.46
C PRO A 249 13.18 -14.81 -3.73
N GLY A 250 12.14 -14.71 -4.54
CA GLY A 250 12.04 -15.52 -5.75
C GLY A 250 10.68 -15.25 -6.35
N SER A 251 10.41 -15.86 -7.49
CA SER A 251 9.14 -15.68 -8.16
C SER A 251 8.04 -16.53 -7.57
N PHE A 252 6.84 -15.93 -7.46
CA PHE A 252 5.65 -16.67 -7.05
C PHE A 252 5.08 -17.53 -8.17
N GLY A 253 5.66 -17.42 -9.38
CA GLY A 253 5.19 -18.22 -10.49
C GLY A 253 4.17 -17.47 -11.33
N SER A 254 3.28 -18.21 -12.00
CA SER A 254 2.35 -17.59 -12.93
CA SER A 254 2.36 -17.60 -12.95
C SER A 254 0.89 -17.80 -12.60
N THR A 255 0.61 -18.49 -11.50
CA THR A 255 -0.80 -18.73 -11.17
C THR A 255 -1.18 -18.03 -9.87
N ALA A 256 -2.45 -17.67 -9.78
CA ALA A 256 -2.96 -17.00 -8.60
C ALA A 256 -4.38 -17.46 -8.37
N THR A 257 -4.86 -17.23 -7.16
CA THR A 257 -6.17 -17.68 -6.71
C THR A 257 -6.99 -16.45 -6.41
N VAL A 258 -8.18 -16.36 -6.99
CA VAL A 258 -9.10 -15.29 -6.60
C VAL A 258 -9.60 -15.56 -5.19
N VAL A 259 -9.43 -14.60 -4.29
CA VAL A 259 -9.93 -14.78 -2.94
C VAL A 259 -11.18 -13.96 -2.64
N MET A 260 -11.47 -12.93 -3.45
CA MET A 260 -12.69 -12.13 -3.27
C MET A 260 -13.10 -11.59 -4.63
N SER A 261 -14.39 -11.42 -4.86
CA SER A 261 -14.82 -10.69 -6.07
C SER A 261 -16.07 -9.89 -5.78
N ASP A 262 -16.20 -8.76 -6.46
CA ASP A 262 -17.31 -7.83 -6.26
C ASP A 262 -17.35 -6.96 -7.51
N THR A 263 -18.17 -5.90 -7.50
CA THR A 263 -18.12 -4.97 -8.63
C THR A 263 -16.73 -4.33 -8.72
N ARG A 264 -16.38 -3.84 -9.92
CA ARG A 264 -15.12 -3.11 -10.13
C ARG A 264 -14.91 -2.00 -9.11
N ASN A 265 -15.95 -1.20 -8.86
CA ASN A 265 -15.80 -0.08 -7.93
C ASN A 265 -15.62 -0.52 -6.49
N ASN A 266 -16.17 -1.68 -6.12
CA ASN A 266 -16.10 -2.17 -4.73
C ASN A 266 -14.79 -2.82 -4.33
N LEU A 267 -14.09 -3.44 -5.28
CA LEU A 267 -12.77 -3.97 -5.01
C LEU A 267 -11.83 -3.52 -6.13
N PHE A 268 -11.38 -2.27 -6.04
CA PHE A 268 -10.75 -1.67 -7.21
C PHE A 268 -9.23 -1.93 -7.24
N GLU A 269 -8.51 -1.47 -6.22
CA GLU A 269 -7.05 -1.58 -6.28
C GLU A 269 -6.43 -1.36 -4.91
N ALA A 270 -5.11 -1.20 -4.89
CA ALA A 270 -4.33 -0.83 -3.69
C ALA A 270 -4.59 -1.69 -2.45
N PRO A 271 -4.59 -3.03 -2.60
CA PRO A 271 -4.78 -3.83 -1.38
C PRO A 271 -3.54 -3.80 -0.48
N GLN A 272 -3.78 -3.92 0.82
CA GLN A 272 -2.68 -4.04 1.77
C GLN A 272 -3.11 -5.06 2.79
N VAL A 273 -2.18 -5.93 3.17
CA VAL A 273 -2.48 -7.02 4.11
C VAL A 273 -1.50 -7.00 5.27
N TYR A 274 -2.05 -7.12 6.48
CA TYR A 274 -1.25 -7.02 7.70
C TYR A 274 -1.63 -8.08 8.71
N LYS A 275 -0.67 -8.48 9.54
CA LYS A 275 -0.96 -9.24 10.76
C LYS A 275 -1.31 -8.27 11.89
N LEU A 276 -2.44 -8.50 12.56
CA LEU A 276 -2.76 -7.68 13.71
C LEU A 276 -2.01 -8.13 14.95
N GLN A 277 -1.25 -7.22 15.54
CA GLN A 277 -0.52 -7.53 16.75
C GLN A 277 -1.46 -7.99 17.88
N GLY A 278 -1.13 -9.11 18.51
CA GLY A 278 -1.83 -9.53 19.71
C GLY A 278 -3.12 -10.26 19.43
N GLN A 279 -3.43 -10.46 18.16
CA GLN A 279 -4.65 -11.16 17.73
C GLN A 279 -4.33 -12.23 16.68
N ASN A 280 -5.08 -13.33 16.68
CA ASN A 280 -4.92 -14.34 15.64
C ASN A 280 -5.76 -13.91 14.45
N ARG A 281 -5.36 -12.81 13.82
CA ARG A 281 -6.17 -12.23 12.78
CA ARG A 281 -6.19 -12.16 12.83
C ARG A 281 -5.34 -11.35 11.87
N TYR A 282 -5.65 -11.41 10.58
CA TYR A 282 -5.03 -10.57 9.56
C TYR A 282 -6.04 -9.57 9.05
N LEU A 283 -5.56 -8.40 8.65
CA LEU A 283 -6.39 -7.31 8.14
C LEU A 283 -6.03 -7.03 6.70
N MET A 284 -7.05 -6.96 5.84
CA MET A 284 -6.83 -6.52 4.48
C MET A 284 -7.62 -5.26 4.25
N ILE A 285 -6.98 -4.24 3.69
CA ILE A 285 -7.74 -3.07 3.25
C ILE A 285 -7.62 -2.98 1.73
N VAL A 286 -8.72 -2.56 1.11
CA VAL A 286 -8.77 -2.47 -0.36
C VAL A 286 -9.39 -1.14 -0.76
N GLU A 287 -8.81 -0.49 -1.78
CA GLU A 287 -9.36 0.78 -2.20
C GLU A 287 -10.57 0.58 -3.11
N ALA A 288 -11.61 1.38 -2.88
CA ALA A 288 -12.87 1.36 -3.62
C ALA A 288 -13.18 2.74 -4.16
N ILE A 289 -14.07 2.78 -5.15
CA ILE A 289 -14.58 4.02 -5.73
C ILE A 289 -16.01 4.21 -5.26
N GLY A 290 -16.28 5.35 -4.63
CA GLY A 290 -17.58 5.62 -4.05
C GLY A 290 -18.59 6.14 -5.06
N ALA A 291 -19.80 6.41 -4.58
CA ALA A 291 -20.94 6.78 -5.44
C ALA A 291 -20.71 8.02 -6.28
N GLN A 292 -19.91 8.96 -5.78
CA GLN A 292 -19.62 10.16 -6.54
C GLN A 292 -18.14 10.25 -6.89
N GLY A 293 -17.51 9.09 -7.00
CA GLY A 293 -16.15 8.99 -7.50
C GLY A 293 -15.06 9.16 -6.48
N GLN A 294 -15.42 9.34 -5.22
CA GLN A 294 -14.41 9.57 -4.19
C GLN A 294 -13.79 8.25 -3.73
N ARG A 295 -12.49 8.28 -3.49
CA ARG A 295 -11.81 7.03 -3.12
C ARG A 295 -11.90 6.78 -1.61
N TYR A 296 -12.01 5.52 -1.22
CA TYR A 296 -12.07 5.18 0.20
C TYR A 296 -11.63 3.70 0.38
N PHE A 297 -11.44 3.28 1.63
CA PHE A 297 -10.98 1.94 1.90
C PHE A 297 -12.04 1.11 2.57
N ARG A 298 -12.09 -0.15 2.14
CA ARG A 298 -12.94 -1.18 2.73
CA ARG A 298 -12.95 -1.16 2.73
C ARG A 298 -12.07 -2.21 3.41
N SER A 299 -12.48 -2.72 4.58
CA SER A 299 -11.62 -3.67 5.29
C SER A 299 -12.24 -5.07 5.43
N PHE A 300 -11.37 -6.07 5.49
CA PHE A 300 -11.70 -7.49 5.56
C PHE A 300 -10.74 -8.16 6.53
N THR A 301 -11.15 -9.26 7.16
CA THR A 301 -10.20 -9.98 8.02
C THR A 301 -10.17 -11.47 7.70
N ALA A 302 -9.09 -12.11 8.13
CA ALA A 302 -8.92 -13.56 7.96
C ALA A 302 -8.20 -14.10 9.16
N THR A 303 -8.37 -15.39 9.45
CA THR A 303 -7.66 -15.94 10.59
C THR A 303 -6.37 -16.64 10.14
N SER A 304 -6.25 -16.87 8.83
CA SER A 304 -5.01 -17.41 8.27
CA SER A 304 -5.06 -17.49 8.24
C SER A 304 -4.85 -16.87 6.87
N LEU A 305 -3.59 -16.72 6.44
CA LEU A 305 -3.34 -16.05 5.16
C LEU A 305 -3.79 -16.86 3.96
N ASP A 306 -3.93 -18.17 4.12
CA ASP A 306 -4.50 -19.02 3.08
C ASP A 306 -6.01 -19.26 3.28
N GLY A 307 -6.64 -18.50 4.16
CA GLY A 307 -8.04 -18.74 4.53
C GLY A 307 -8.99 -17.74 3.87
N GLU A 308 -10.28 -17.83 4.21
CA GLU A 308 -11.26 -16.92 3.60
C GLU A 308 -11.26 -15.56 4.28
N TRP A 309 -11.72 -14.54 3.54
CA TRP A 309 -11.79 -13.18 4.06
C TRP A 309 -13.23 -12.79 4.40
N THR A 310 -13.38 -12.11 5.54
CA THR A 310 -14.68 -11.72 6.05
C THR A 310 -14.82 -10.19 6.04
N PRO A 311 -15.92 -9.67 5.47
CA PRO A 311 -16.13 -8.22 5.46
C PRO A 311 -16.05 -7.67 6.88
N GLN A 312 -15.34 -6.56 7.06
CA GLN A 312 -15.18 -5.99 8.40
C GLN A 312 -15.75 -4.56 8.46
N ALA A 313 -15.43 -3.72 7.48
CA ALA A 313 -16.11 -2.42 7.33
C ALA A 313 -16.15 -2.14 5.85
N THR A 314 -17.29 -2.39 5.22
CA THR A 314 -17.30 -2.51 3.75
C THR A 314 -18.37 -1.72 3.02
N SER A 315 -18.65 -0.51 3.47
CA SER A 315 -19.48 0.37 2.65
C SER A 315 -18.95 1.79 2.72
N GLU A 316 -19.37 2.63 1.78
CA GLU A 316 -18.83 3.98 1.76
C GLU A 316 -19.29 4.75 3.00
N SER A 317 -20.49 4.47 3.51
CA SER A 317 -20.99 5.20 4.68
C SER A 317 -20.40 4.63 5.97
N ASN A 318 -19.88 3.41 5.90
CA ASN A 318 -19.20 2.80 7.05
CA ASN A 318 -19.30 2.66 7.00
C ASN A 318 -17.95 2.09 6.56
N PRO A 319 -16.97 2.93 6.19
CA PRO A 319 -15.76 2.39 5.59
C PRO A 319 -14.68 2.13 6.62
N PHE A 320 -13.61 1.46 6.19
CA PHE A 320 -12.39 1.46 6.97
C PHE A 320 -11.91 2.89 7.12
N ALA A 321 -11.75 3.59 5.98
CA ALA A 321 -11.37 4.99 6.03
C ALA A 321 -11.87 5.67 4.76
N GLY A 322 -12.52 6.82 4.93
CA GLY A 322 -13.00 7.55 3.77
C GLY A 322 -13.52 8.89 4.24
N LYS A 323 -14.12 9.63 3.32
CA LYS A 323 -14.68 10.94 3.65
C LYS A 323 -15.66 10.85 4.81
N ALA A 324 -16.34 9.72 4.95
CA ALA A 324 -17.35 9.58 6.03
C ALA A 324 -16.76 9.64 7.44
N ASN A 325 -15.48 9.28 7.60
CA ASN A 325 -14.90 9.17 8.94
C ASN A 325 -13.44 9.60 9.08
N SER A 326 -12.87 10.28 8.08
CA SER A 326 -11.44 10.58 8.12
C SER A 326 -11.07 11.75 9.02
N GLY A 327 -12.01 12.68 9.20
CA GLY A 327 -11.70 13.95 9.84
C GLY A 327 -10.88 14.88 8.94
N ALA A 328 -10.79 14.55 7.65
CA ALA A 328 -10.03 15.38 6.72
C ALA A 328 -10.97 16.22 5.84
N THR A 329 -10.72 17.52 5.74
CA THR A 329 -11.45 18.31 4.74
C THR A 329 -10.53 18.78 3.59
N TRP A 330 -9.21 18.62 3.73
CA TRP A 330 -8.31 19.05 2.67
C TRP A 330 -8.41 18.13 1.45
N THR A 331 -8.97 16.94 1.69
CA THR A 331 -9.16 15.95 0.64
C THR A 331 -10.49 15.26 0.89
N ASP A 332 -11.16 14.82 -0.18
CA ASP A 332 -12.28 13.88 -0.04
C ASP A 332 -11.73 12.45 -0.15
N ASP A 333 -10.85 12.25 -1.13
CA ASP A 333 -10.20 10.95 -1.34
C ASP A 333 -9.39 10.50 -0.14
N ILE A 334 -9.53 9.24 0.24
CA ILE A 334 -8.56 8.56 1.11
C ILE A 334 -8.11 7.38 0.27
N SER A 335 -6.89 7.45 -0.23
CA SER A 335 -6.50 6.60 -1.37
C SER A 335 -5.11 5.97 -1.16
N HIS A 336 -4.71 5.11 -2.09
CA HIS A 336 -3.55 4.22 -2.03
C HIS A 336 -2.44 4.61 -1.05
N GLY A 337 -2.30 3.83 0.01
CA GLY A 337 -1.30 4.14 1.02
C GLY A 337 -0.99 2.87 1.81
N GLU A 338 -0.65 3.06 3.08
CA GLU A 338 -0.23 1.94 3.91
C GLU A 338 -0.41 2.26 5.36
N LEU A 339 -0.62 1.23 6.18
CA LEU A 339 -0.67 1.44 7.62
C LEU A 339 0.74 1.57 8.20
N ILE A 340 0.89 2.34 9.27
CA ILE A 340 2.15 2.34 10.00
C ILE A 340 2.35 1.00 10.70
N ARG A 341 3.55 0.43 10.57
CA ARG A 341 3.81 -0.94 11.05
C ARG A 341 4.63 -0.97 12.34
N THR A 342 4.61 -2.12 13.03
CA THR A 342 5.41 -2.28 14.23
C THR A 342 6.80 -2.80 13.91
N THR A 343 6.99 -3.16 12.65
CA THR A 343 8.21 -3.83 12.21
C THR A 343 8.39 -3.52 10.73
N ALA A 344 9.65 -3.55 10.27
CA ALA A 344 9.92 -3.45 8.83
C ALA A 344 9.82 -4.80 8.14
N ASP A 345 9.72 -5.90 8.89
CA ASP A 345 9.93 -7.17 8.19
C ASP A 345 8.70 -7.82 7.57
N GLN A 346 8.89 -9.00 6.99
CA GLN A 346 7.85 -9.57 6.14
C GLN A 346 6.61 -9.94 6.91
N THR A 347 6.68 -9.96 8.27
CA THR A 347 5.44 -10.28 8.99
C THR A 347 4.39 -9.16 8.90
N MET A 348 4.80 -7.97 8.49
CA MET A 348 3.83 -6.93 8.17
C MET A 348 2.85 -6.70 9.32
N THR A 349 3.38 -6.55 10.53
CA THR A 349 2.53 -6.45 11.70
C THR A 349 2.14 -5.01 11.99
N VAL A 350 0.89 -4.82 12.41
CA VAL A 350 0.43 -3.49 12.81
C VAL A 350 -0.21 -3.57 14.18
N ASP A 351 -0.19 -2.45 14.88
CA ASP A 351 -0.74 -2.38 16.24
C ASP A 351 -2.19 -1.89 16.20
N PRO A 352 -3.15 -2.80 16.46
CA PRO A 352 -4.56 -2.39 16.38
C PRO A 352 -4.93 -1.36 17.45
N CYS A 353 -4.11 -1.19 18.48
CA CYS A 353 -4.31 -0.16 19.51
C CYS A 353 -3.89 1.22 19.03
N ASN A 354 -3.20 1.26 17.90
CA ASN A 354 -2.71 2.54 17.39
CA ASN A 354 -2.65 2.51 17.38
C ASN A 354 -2.64 2.53 15.87
N LEU A 355 -3.78 2.27 15.24
CA LEU A 355 -3.80 2.29 13.79
C LEU A 355 -3.56 3.68 13.25
N GLN A 356 -2.67 3.77 12.26
CA GLN A 356 -2.44 5.03 11.57
C GLN A 356 -2.26 4.71 10.11
N LEU A 357 -2.91 5.49 9.26
CA LEU A 357 -2.88 5.24 7.82
C LEU A 357 -2.20 6.40 7.09
N LEU A 358 -1.10 6.09 6.39
CA LEU A 358 -0.44 7.05 5.54
C LEU A 358 -1.09 6.90 4.18
N TYR A 359 -1.89 7.88 3.77
CA TYR A 359 -2.69 7.75 2.55
C TYR A 359 -2.32 8.83 1.56
N GLN A 360 -2.79 8.68 0.31
CA GLN A 360 -2.73 9.79 -0.63
C GLN A 360 -4.08 10.48 -0.72
N GLY A 361 -4.04 11.81 -0.72
CA GLY A 361 -5.27 12.61 -0.82
C GLY A 361 -5.05 13.73 -1.82
N ARG A 362 -6.10 14.46 -2.21
CA ARG A 362 -5.94 15.56 -3.18
C ARG A 362 -6.99 16.63 -2.96
N ASP A 363 -6.65 17.87 -3.29
CA ASP A 363 -7.63 18.92 -3.14
C ASP A 363 -8.90 18.62 -3.96
N PRO A 364 -10.07 18.76 -3.34
CA PRO A 364 -11.31 18.40 -4.06
C PRO A 364 -11.56 19.33 -5.24
N GLY A 365 -10.95 20.49 -5.22
CA GLY A 365 -11.08 21.41 -6.34
C GLY A 365 -10.22 21.01 -7.53
N SER A 366 -9.36 19.99 -7.34
CA SER A 366 -8.45 19.53 -8.39
C SER A 366 -9.19 18.78 -9.48
N GLY A 367 -8.91 19.19 -10.72
CA GLY A 367 -9.50 18.55 -11.86
C GLY A 367 -8.42 18.17 -12.85
N GLY A 368 -8.81 17.97 -14.09
CA GLY A 368 -7.88 17.52 -15.11
C GLY A 368 -7.80 16.00 -15.16
N THR A 369 -6.86 15.51 -15.95
CA THR A 369 -6.74 14.07 -16.17
C THR A 369 -6.27 13.36 -14.92
N TYR A 370 -6.61 12.08 -14.80
CA TYR A 370 -6.27 11.32 -13.61
C TYR A 370 -4.75 11.32 -13.33
N ASP A 371 -3.95 11.08 -14.37
CA ASP A 371 -2.51 10.95 -14.18
C ASP A 371 -1.83 12.22 -13.64
N LEU A 372 -2.45 13.39 -13.85
CA LEU A 372 -1.86 14.65 -13.37
C LEU A 372 -2.43 15.11 -12.03
N LEU A 373 -3.30 14.31 -11.41
CA LEU A 373 -3.97 14.77 -10.18
C LEU A 373 -2.96 15.02 -9.08
N PRO A 374 -3.16 16.10 -8.31
CA PRO A 374 -2.14 16.51 -7.34
C PRO A 374 -2.25 15.76 -6.03
N TYR A 375 -1.94 14.47 -6.07
CA TYR A 375 -1.92 13.67 -4.85
C TYR A 375 -0.77 14.04 -3.89
N ARG A 376 -1.06 13.96 -2.59
CA ARG A 376 -0.10 14.29 -1.51
C ARG A 376 -0.27 13.29 -0.38
N PRO A 377 0.76 13.10 0.46
CA PRO A 377 0.59 12.23 1.63
C PRO A 377 -0.18 12.93 2.74
N GLY A 378 -0.99 12.17 3.45
CA GLY A 378 -1.63 12.63 4.69
C GLY A 378 -1.61 11.46 5.67
N LEU A 379 -1.88 11.73 6.95
CA LEU A 379 -1.86 10.65 7.95
C LEU A 379 -3.15 10.65 8.78
N LEU A 380 -3.85 9.51 8.83
CA LEU A 380 -4.98 9.33 9.77
C LEU A 380 -4.50 8.65 11.04
N THR A 381 -5.07 9.08 12.17
CA THR A 381 -4.84 8.44 13.46
C THR A 381 -6.18 7.97 14.02
N LEU A 382 -6.26 6.70 14.38
CA LEU A 382 -7.53 6.17 14.87
C LEU A 382 -7.88 6.74 16.21
N GLN A 383 -9.15 7.11 16.38
CA GLN A 383 -9.63 7.55 17.67
C GLN A 383 -9.97 6.34 18.51
N ARG A 384 -9.58 6.36 19.79
CA ARG A 384 -10.09 5.36 20.73
C ARG A 384 -10.39 6.02 22.06
#